data_6OBA
#
_entry.id   6OBA
#
_cell.length_a   40.460
_cell.length_b   75.710
_cell.length_c   173.410
_cell.angle_alpha   90.00
_cell.angle_beta   90.00
_cell.angle_gamma   90.00
#
_symmetry.space_group_name_H-M   'P 21 21 21'
#
loop_
_entity.id
_entity.type
_entity.pdbx_description
1 polymer 'Beta-2 adrenergic receptor,Lysozyme,Beta-2 adrenergic receptor'
2 non-polymer CHOLESTEROL
3 non-polymer (2S)-1-[(1-methylethyl)amino]-3-(2-prop-2-en-1-ylphenoxy)propan-2-ol
4 non-polymer 6-bromo-N~2~-phenylquinazoline-2,4-diamine
#
_entity_poly.entity_id   1
_entity_poly.type   'polypeptide(L)'
_entity_poly.pdbx_seq_one_letter_code
;DYKDDDAMGQPGNGSAFLLAPNRSHAPDHDVTQQRDEVWVVGMGIVMSLIVLAIVFGNVLVITAIAKFERLQTVTNYFIT
SLACADLVMGLAVVPFGAAHILMKMWTFGNFWCEFWTSIDVLCVTASIETLCVIAVDRYFAITSPFKYQSLLTKNKARVI
ILMVWIVSGLTSFLPIQMHWYRATHQEAINCYAEETCCDFFTNQAYAIASSIVSFYVPLVIMVFVYSRVFQEAKRQLNIF
EMLRIDEGLRLKIYKDTEGYYTIGIGHLLTKSPSLNAAKSELDKAIGRNTNGVITKDEAEKLFNQDVDAAVRGILRNAKL
KPVYDSLDAVRRAALINMVFQMGETGVAGFTNSLRMLQQKRWDEAAVNLAKSRWYNQTPNRAKRVITTFRTGTWDAYKFC
LKEHKALKTLGIIMGTFTLCWLPFFIVNIVHVIQDNLIRKEVYILLNWIGYVNSGFNPLIYCRSPDFRIAFQELLCLRRS
SLKAYGNGYSSNGNTGEQSG
;
_entity_poly.pdbx_strand_id   A
#
loop_
_chem_comp.id
_chem_comp.type
_chem_comp.name
_chem_comp.formula
CLR non-polymer CHOLESTEROL 'C27 H46 O'
JTZ non-polymer (2S)-1-[(1-methylethyl)amino]-3-(2-prop-2-en-1-ylphenoxy)propan-2-ol 'C15 H23 N O2'
M3J non-polymer 6-bromo-N~2~-phenylquinazoline-2,4-diamine 'C14 H11 Br N4'
#
# COMPACT_ATOMS: atom_id res chain seq x y z
N VAL A 38 -13.86 13.97 39.26
CA VAL A 38 -12.65 13.17 39.37
C VAL A 38 -11.92 13.22 38.02
N TRP A 39 -10.92 12.37 37.84
CA TRP A 39 -10.02 12.41 36.68
C TRP A 39 -10.61 11.74 35.45
N VAL A 40 -11.88 11.34 35.52
CA VAL A 40 -12.53 10.62 34.42
C VAL A 40 -12.86 11.55 33.25
N VAL A 41 -13.09 12.83 33.53
CA VAL A 41 -13.45 13.79 32.48
C VAL A 41 -12.38 13.82 31.39
N GLY A 42 -11.12 13.59 31.75
CA GLY A 42 -10.08 13.57 30.74
C GLY A 42 -10.25 12.44 29.74
N MET A 43 -10.42 11.22 30.24
CA MET A 43 -10.60 10.07 29.34
C MET A 43 -11.89 10.17 28.54
N GLY A 44 -12.94 10.78 29.11
CA GLY A 44 -14.16 10.97 28.35
C GLY A 44 -13.95 11.78 27.09
N ILE A 45 -13.24 12.90 27.20
CA ILE A 45 -12.91 13.71 26.03
C ILE A 45 -12.00 12.92 25.10
N VAL A 46 -10.98 12.26 25.65
CA VAL A 46 -10.07 11.48 24.83
C VAL A 46 -10.82 10.42 24.04
N MET A 47 -11.68 9.66 24.72
CA MET A 47 -12.42 8.60 24.04
C MET A 47 -13.45 9.18 23.07
N SER A 48 -14.08 10.29 23.44
CA SER A 48 -15.04 10.92 22.53
C SER A 48 -14.36 11.39 21.25
N LEU A 49 -13.14 11.88 21.35
CA LEU A 49 -12.40 12.29 20.16
C LEU A 49 -11.99 11.08 19.33
N ILE A 50 -11.67 9.96 19.99
CA ILE A 50 -11.34 8.74 19.26
C ILE A 50 -12.55 8.22 18.50
N VAL A 51 -13.74 8.33 19.10
CA VAL A 51 -14.96 7.90 18.41
C VAL A 51 -15.20 8.77 17.18
N LEU A 52 -14.94 10.08 17.30
CA LEU A 52 -15.10 10.96 16.15
C LEU A 52 -14.08 10.66 15.06
N ALA A 53 -12.79 10.58 15.45
CA ALA A 53 -11.74 10.31 14.48
C ALA A 53 -11.97 8.99 13.74
N ILE A 54 -12.63 8.04 14.39
CA ILE A 54 -12.98 6.79 13.73
C ILE A 54 -14.16 6.98 12.78
N VAL A 55 -15.25 7.55 13.28
CA VAL A 55 -16.46 7.70 12.47
C VAL A 55 -16.24 8.69 11.35
N PHE A 56 -15.87 9.93 11.69
CA PHE A 56 -15.71 10.97 10.69
C PHE A 56 -14.64 10.59 9.66
N GLY A 57 -13.59 9.89 10.08
CA GLY A 57 -12.55 9.51 9.15
C GLY A 57 -12.97 8.40 8.20
N ASN A 58 -13.68 7.40 8.72
CA ASN A 58 -14.05 6.25 7.90
C ASN A 58 -15.29 6.51 7.05
N VAL A 59 -16.18 7.41 7.50
CA VAL A 59 -17.23 7.88 6.61
C VAL A 59 -16.62 8.73 5.50
N LEU A 60 -15.56 9.48 5.81
CA LEU A 60 -14.86 10.25 4.79
C LEU A 60 -14.25 9.31 3.74
N VAL A 61 -13.60 8.25 4.19
CA VAL A 61 -13.03 7.26 3.26
C VAL A 61 -14.14 6.62 2.44
N ILE A 62 -15.23 6.24 3.10
CA ILE A 62 -16.33 5.58 2.41
C ILE A 62 -16.97 6.50 1.38
N THR A 63 -17.23 7.76 1.77
CA THR A 63 -17.90 8.67 0.85
C THR A 63 -17.00 9.03 -0.33
N ALA A 64 -15.69 9.13 -0.11
CA ALA A 64 -14.77 9.42 -1.20
C ALA A 64 -14.82 8.35 -2.27
N ILE A 65 -14.92 7.08 -1.87
CA ILE A 65 -15.02 6.00 -2.84
C ILE A 65 -16.41 5.96 -3.46
N ALA A 66 -17.43 6.38 -2.73
CA ALA A 66 -18.80 6.31 -3.23
C ALA A 66 -19.03 7.29 -4.37
N LYS A 67 -18.67 8.56 -4.17
CA LYS A 67 -18.99 9.58 -5.16
C LYS A 67 -17.99 9.62 -6.31
N PHE A 68 -16.70 9.48 -6.02
CA PHE A 68 -15.67 9.67 -7.03
C PHE A 68 -15.46 8.39 -7.82
N GLU A 69 -15.41 8.52 -9.16
CA GLU A 69 -15.36 7.34 -10.02
C GLU A 69 -13.99 6.68 -9.99
N ARG A 70 -12.92 7.48 -10.15
CA ARG A 70 -11.59 6.91 -10.27
C ARG A 70 -11.08 6.27 -8.99
N LEU A 71 -11.79 6.43 -7.87
CA LEU A 71 -11.49 5.67 -6.67
C LEU A 71 -12.37 4.43 -6.52
N GLN A 72 -13.28 4.19 -7.47
CA GLN A 72 -14.12 2.99 -7.45
C GLN A 72 -13.38 1.82 -8.10
N THR A 73 -12.26 1.45 -7.49
CA THR A 73 -11.45 0.34 -7.95
C THR A 73 -11.79 -0.92 -7.16
N VAL A 74 -11.21 -2.04 -7.59
CA VAL A 74 -11.43 -3.31 -6.90
C VAL A 74 -10.80 -3.27 -5.51
N THR A 75 -9.59 -2.72 -5.41
CA THR A 75 -8.93 -2.61 -4.11
C THR A 75 -9.71 -1.71 -3.16
N ASN A 76 -10.35 -0.67 -3.68
CA ASN A 76 -11.06 0.26 -2.81
C ASN A 76 -12.44 -0.23 -2.42
N TYR A 77 -12.99 -1.23 -3.11
CA TYR A 77 -14.14 -1.94 -2.55
C TYR A 77 -13.72 -2.72 -1.31
N PHE A 78 -12.53 -3.32 -1.33
CA PHE A 78 -11.99 -3.96 -0.14
C PHE A 78 -11.78 -2.93 0.98
N ILE A 79 -11.29 -1.74 0.62
CA ILE A 79 -11.12 -0.68 1.60
C ILE A 79 -12.46 -0.17 2.10
N THR A 80 -13.49 -0.22 1.26
CA THR A 80 -14.83 0.18 1.71
C THR A 80 -15.31 -0.70 2.87
N SER A 81 -15.23 -2.02 2.70
CA SER A 81 -15.61 -2.91 3.78
C SER A 81 -14.64 -2.80 4.95
N LEU A 82 -13.36 -2.56 4.68
CA LEU A 82 -12.40 -2.31 5.75
C LEU A 82 -12.80 -1.07 6.55
N ALA A 83 -13.21 -0.01 5.86
CA ALA A 83 -13.68 1.18 6.56
C ALA A 83 -14.99 0.94 7.28
N CYS A 84 -15.86 0.09 6.72
CA CYS A 84 -17.09 -0.27 7.41
C CYS A 84 -16.79 -1.03 8.70
N ALA A 85 -15.86 -1.97 8.64
CA ALA A 85 -15.45 -2.68 9.86
C ALA A 85 -14.91 -1.72 10.90
N ASP A 86 -14.20 -0.69 10.45
CA ASP A 86 -13.73 0.35 11.37
C ASP A 86 -14.84 1.34 11.73
N LEU A 87 -15.77 1.60 10.81
CA LEU A 87 -16.86 2.52 11.11
C LEU A 87 -17.81 1.92 12.14
N VAL A 88 -18.19 0.65 11.98
CA VAL A 88 -19.03 -0.01 12.97
C VAL A 88 -18.28 -0.15 14.28
N MET A 89 -16.95 -0.28 14.23
CA MET A 89 -16.14 -0.29 15.44
C MET A 89 -16.36 1.00 16.23
N GLY A 90 -16.56 2.12 15.55
CA GLY A 90 -16.69 3.41 16.21
C GLY A 90 -18.12 3.81 16.52
N LEU A 91 -19.09 3.18 15.87
CA LEU A 91 -20.49 3.47 16.15
C LEU A 91 -21.10 2.54 17.18
N ALA A 92 -20.75 1.24 17.15
CA ALA A 92 -21.37 0.25 18.02
C ALA A 92 -20.47 -0.28 19.12
N VAL A 93 -19.16 -0.20 18.98
CA VAL A 93 -18.21 -0.87 19.85
C VAL A 93 -17.52 0.10 20.80
N VAL A 94 -16.78 1.06 20.26
CA VAL A 94 -15.96 1.95 21.10
C VAL A 94 -16.81 2.81 22.03
N PRO A 95 -17.95 3.37 21.62
CA PRO A 95 -18.74 4.15 22.60
C PRO A 95 -19.21 3.31 23.79
N PHE A 96 -19.81 2.15 23.53
CA PHE A 96 -20.30 1.31 24.62
C PHE A 96 -19.16 0.75 25.46
N GLY A 97 -17.95 0.64 24.91
CA GLY A 97 -16.80 0.33 25.73
C GLY A 97 -16.31 1.51 26.53
N ALA A 98 -16.54 2.72 26.03
CA ALA A 98 -16.21 3.91 26.80
C ALA A 98 -17.16 4.09 27.98
N ALA A 99 -18.45 3.85 27.77
CA ALA A 99 -19.40 3.88 28.87
C ALA A 99 -19.11 2.77 29.89
N HIS A 100 -18.58 1.65 29.42
CA HIS A 100 -18.20 0.57 30.32
C HIS A 100 -17.05 0.97 31.23
N ILE A 101 -16.04 1.65 30.67
CA ILE A 101 -14.87 2.02 31.46
C ILE A 101 -15.22 3.15 32.43
N LEU A 102 -15.88 4.19 31.92
CA LEU A 102 -16.12 5.37 32.74
C LEU A 102 -17.07 5.06 33.89
N MET A 103 -18.16 4.34 33.60
CA MET A 103 -19.14 4.00 34.62
C MET A 103 -18.73 2.79 35.46
N LYS A 104 -17.67 2.09 35.07
CA LYS A 104 -17.14 0.91 35.76
C LYS A 104 -18.16 -0.23 35.85
N MET A 105 -19.22 -0.17 35.05
CA MET A 105 -20.20 -1.25 34.99
C MET A 105 -20.94 -1.16 33.65
N TRP A 106 -21.87 -2.08 33.43
CA TRP A 106 -22.55 -2.23 32.16
C TRP A 106 -24.00 -1.78 32.30
N THR A 107 -24.36 -0.74 31.55
CA THR A 107 -25.67 -0.10 31.64
C THR A 107 -26.72 -0.76 30.75
N PHE A 108 -26.29 -1.55 29.77
CA PHE A 108 -27.11 -1.81 28.60
C PHE A 108 -27.71 -3.20 28.54
N GLY A 109 -27.49 -4.03 29.57
CA GLY A 109 -28.12 -5.34 29.63
C GLY A 109 -27.27 -6.44 29.04
N ASN A 110 -27.62 -7.68 29.38
CA ASN A 110 -26.89 -8.83 28.86
C ASN A 110 -27.14 -9.02 27.36
N PHE A 111 -28.30 -8.62 26.85
CA PHE A 111 -28.55 -8.73 25.42
C PHE A 111 -27.54 -7.90 24.63
N TRP A 112 -27.46 -6.60 24.93
CA TRP A 112 -26.50 -5.76 24.24
C TRP A 112 -25.07 -6.13 24.61
N CYS A 113 -24.86 -6.67 25.81
CA CYS A 113 -23.53 -7.18 26.16
C CYS A 113 -23.08 -8.25 25.19
N GLU A 114 -24.01 -9.08 24.71
CA GLU A 114 -23.66 -10.11 23.74
C GLU A 114 -23.34 -9.49 22.38
N PHE A 115 -24.26 -8.70 21.83
CA PHE A 115 -24.01 -8.06 20.54
C PHE A 115 -22.77 -7.17 20.57
N TRP A 116 -22.64 -6.33 21.60
CA TRP A 116 -21.44 -5.50 21.73
C TRP A 116 -20.18 -6.35 21.62
N THR A 117 -20.14 -7.45 22.36
CA THR A 117 -19.04 -8.40 22.22
C THR A 117 -19.06 -9.05 20.84
N SER A 118 -20.25 -9.46 20.38
CA SER A 118 -20.34 -10.15 19.09
C SER A 118 -19.96 -9.24 17.93
N ILE A 119 -20.43 -7.99 17.96
CA ILE A 119 -20.07 -7.05 16.89
C ILE A 119 -18.59 -6.69 16.96
N ASP A 120 -18.06 -6.55 18.18
CA ASP A 120 -16.63 -6.27 18.34
C ASP A 120 -15.79 -7.36 17.69
N VAL A 121 -16.13 -8.63 17.97
CA VAL A 121 -15.40 -9.74 17.34
C VAL A 121 -15.63 -9.74 15.84
N LEU A 122 -16.85 -9.40 15.41
CA LEU A 122 -17.16 -9.36 13.98
C LEU A 122 -16.29 -8.35 13.24
N CYS A 123 -16.12 -7.15 13.82
CA CYS A 123 -15.37 -6.11 13.13
C CYS A 123 -13.89 -6.43 13.05
N VAL A 124 -13.36 -7.14 14.04
CA VAL A 124 -11.94 -7.48 14.00
C VAL A 124 -11.69 -8.65 13.07
N THR A 125 -12.59 -9.64 13.06
CA THR A 125 -12.44 -10.78 12.17
C THR A 125 -12.58 -10.36 10.71
N ALA A 126 -13.58 -9.51 10.41
CA ALA A 126 -13.78 -9.04 9.05
C ALA A 126 -12.66 -8.11 8.58
N SER A 127 -11.96 -7.45 9.51
CA SER A 127 -10.88 -6.54 9.12
C SER A 127 -9.66 -7.33 8.64
N ILE A 128 -9.24 -8.34 9.40
CA ILE A 128 -8.03 -9.08 9.05
C ILE A 128 -8.25 -9.90 7.78
N GLU A 129 -9.45 -10.47 7.61
CA GLU A 129 -9.71 -11.21 6.38
C GLU A 129 -9.76 -10.27 5.18
N THR A 130 -10.31 -9.07 5.37
CA THR A 130 -10.27 -8.07 4.30
C THR A 130 -8.84 -7.71 3.95
N LEU A 131 -8.02 -7.41 4.96
CA LEU A 131 -6.60 -7.18 4.72
C LEU A 131 -5.93 -8.43 4.14
N CYS A 132 -6.46 -9.61 4.46
CA CYS A 132 -5.94 -10.84 3.88
C CYS A 132 -6.36 -10.96 2.42
N VAL A 133 -7.61 -10.59 2.11
CA VAL A 133 -8.06 -10.62 0.72
C VAL A 133 -7.31 -9.60 -0.12
N ILE A 134 -7.05 -8.42 0.45
CA ILE A 134 -6.29 -7.39 -0.26
C ILE A 134 -4.91 -7.93 -0.63
N ALA A 135 -4.21 -8.52 0.34
CA ALA A 135 -2.86 -9.02 0.09
C ALA A 135 -2.86 -10.11 -0.98
N VAL A 136 -3.83 -11.02 -0.93
CA VAL A 136 -3.91 -12.07 -1.93
C VAL A 136 -4.35 -11.50 -3.27
N ASP A 137 -5.27 -10.53 -3.25
CA ASP A 137 -5.65 -9.84 -4.47
C ASP A 137 -4.46 -9.15 -5.11
N ARG A 138 -3.62 -8.49 -4.29
CA ARG A 138 -2.45 -7.82 -4.83
C ARG A 138 -1.39 -8.80 -5.28
N TYR A 139 -1.37 -10.01 -4.73
CA TYR A 139 -0.42 -11.00 -5.20
C TYR A 139 -0.78 -11.51 -6.59
N PHE A 140 -2.03 -11.95 -6.77
CA PHE A 140 -2.47 -12.41 -8.09
C PHE A 140 -2.45 -11.29 -9.11
N ALA A 141 -2.52 -10.04 -8.67
CA ALA A 141 -2.41 -8.91 -9.60
C ALA A 141 -0.97 -8.71 -10.05
N ILE A 142 -0.03 -8.70 -9.09
CA ILE A 142 1.36 -8.40 -9.40
C ILE A 142 2.07 -9.54 -10.11
N THR A 143 1.44 -10.71 -10.21
CA THR A 143 2.02 -11.84 -10.94
C THR A 143 1.43 -12.01 -12.33
N SER A 144 0.26 -11.43 -12.60
CA SER A 144 -0.33 -11.49 -13.92
C SER A 144 0.33 -10.48 -14.85
N PRO A 145 0.25 -10.70 -16.16
CA PRO A 145 0.75 -9.68 -17.10
C PRO A 145 -0.01 -8.37 -17.03
N PHE A 146 -1.23 -8.39 -16.48
CA PHE A 146 -1.92 -7.17 -16.08
C PHE A 146 -1.39 -6.75 -14.71
N LYS A 147 -0.16 -6.24 -14.73
CA LYS A 147 0.50 -5.87 -13.48
C LYS A 147 -0.23 -4.71 -12.82
N TYR A 148 -0.40 -4.82 -11.51
CA TYR A 148 -1.01 -3.83 -10.61
C TYR A 148 -2.53 -3.74 -10.76
N GLN A 149 -3.16 -4.65 -11.50
CA GLN A 149 -4.59 -4.62 -11.72
C GLN A 149 -5.23 -5.91 -11.21
N SER A 150 -6.27 -5.78 -10.40
CA SER A 150 -6.89 -6.94 -9.78
C SER A 150 -7.55 -7.84 -10.82
N LEU A 151 -7.35 -9.15 -10.66
CA LEU A 151 -7.97 -10.12 -11.55
C LEU A 151 -9.46 -10.23 -11.32
N LEU A 152 -9.94 -9.85 -10.14
CA LEU A 152 -11.36 -9.93 -9.82
C LEU A 152 -12.12 -8.78 -10.49
N THR A 153 -13.30 -9.08 -11.00
CA THR A 153 -14.19 -8.01 -11.42
C THR A 153 -14.93 -7.44 -10.21
N LYS A 154 -15.59 -6.30 -10.42
CA LYS A 154 -16.25 -5.62 -9.31
C LYS A 154 -17.43 -6.43 -8.78
N ASN A 155 -18.24 -7.00 -9.68
CA ASN A 155 -19.35 -7.83 -9.24
C ASN A 155 -18.87 -9.05 -8.47
N LYS A 156 -17.72 -9.60 -8.86
CA LYS A 156 -17.15 -10.75 -8.15
C LYS A 156 -16.49 -10.32 -6.85
N ALA A 157 -15.86 -9.14 -6.83
CA ALA A 157 -15.30 -8.62 -5.59
C ALA A 157 -16.39 -8.33 -4.57
N ARG A 158 -17.57 -7.90 -5.04
CA ARG A 158 -18.71 -7.73 -4.13
C ARG A 158 -19.13 -9.07 -3.55
N VAL A 159 -19.05 -10.13 -4.35
CA VAL A 159 -19.36 -11.48 -3.85
C VAL A 159 -18.35 -11.89 -2.79
N ILE A 160 -17.10 -11.45 -2.92
CA ILE A 160 -16.10 -11.79 -1.91
C ILE A 160 -16.38 -11.05 -0.61
N ILE A 161 -16.80 -9.78 -0.70
CA ILE A 161 -17.03 -8.98 0.50
C ILE A 161 -18.12 -9.61 1.36
N LEU A 162 -19.21 -10.06 0.73
CA LEU A 162 -20.30 -10.65 1.49
C LEU A 162 -19.85 -11.93 2.20
N MET A 163 -19.15 -12.81 1.48
CA MET A 163 -18.67 -14.04 2.09
C MET A 163 -17.74 -13.76 3.27
N VAL A 164 -16.91 -12.73 3.16
CA VAL A 164 -16.05 -12.36 4.28
C VAL A 164 -16.89 -12.00 5.50
N TRP A 165 -17.91 -11.17 5.31
CA TRP A 165 -18.79 -10.81 6.42
C TRP A 165 -19.68 -11.97 6.83
N ILE A 166 -20.07 -12.84 5.89
CA ILE A 166 -20.83 -14.03 6.24
C ILE A 166 -19.98 -14.96 7.12
N VAL A 167 -18.79 -15.32 6.63
CA VAL A 167 -17.91 -16.21 7.40
C VAL A 167 -17.53 -15.55 8.71
N SER A 168 -17.24 -14.25 8.69
CA SER A 168 -16.96 -13.54 9.94
C SER A 168 -18.19 -13.53 10.84
N GLY A 169 -19.36 -13.27 10.27
CA GLY A 169 -20.58 -13.24 11.07
C GLY A 169 -20.93 -14.58 11.69
N LEU A 170 -20.48 -15.68 11.07
CA LEU A 170 -20.73 -16.99 11.65
C LEU A 170 -19.71 -17.34 12.71
N THR A 171 -18.43 -17.04 12.46
CA THR A 171 -17.39 -17.31 13.46
C THR A 171 -17.43 -16.33 14.63
N SER A 172 -18.18 -15.24 14.52
CA SER A 172 -18.25 -14.24 15.59
C SER A 172 -19.54 -14.32 16.39
N PHE A 173 -20.70 -14.37 15.73
CA PHE A 173 -21.95 -14.39 16.47
C PHE A 173 -22.24 -15.74 17.08
N LEU A 174 -22.03 -16.83 16.32
CA LEU A 174 -22.39 -18.15 16.81
C LEU A 174 -21.68 -18.53 18.10
N PRO A 175 -20.36 -18.42 18.23
CA PRO A 175 -19.73 -18.78 19.52
C PRO A 175 -20.21 -17.92 20.68
N ILE A 176 -20.62 -16.68 20.41
CA ILE A 176 -21.08 -15.82 21.49
C ILE A 176 -22.55 -16.04 21.78
N GLN A 177 -23.36 -16.22 20.74
CA GLN A 177 -24.79 -16.46 20.95
C GLN A 177 -25.07 -17.85 21.48
N MET A 178 -24.25 -18.84 21.10
CA MET A 178 -24.43 -20.21 21.57
C MET A 178 -23.70 -20.48 22.88
N HIS A 179 -23.10 -19.46 23.49
CA HIS A 179 -22.45 -19.56 24.80
C HIS A 179 -21.29 -20.55 24.81
N TRP A 180 -20.68 -20.78 23.66
CA TRP A 180 -19.52 -21.67 23.57
C TRP A 180 -18.28 -21.05 24.19
N TYR A 181 -18.29 -19.74 24.46
CA TYR A 181 -17.18 -19.08 25.12
C TYR A 181 -17.27 -19.17 26.64
N ARG A 182 -18.46 -19.36 27.18
CA ARG A 182 -18.70 -19.27 28.62
C ARG A 182 -17.73 -20.12 29.41
N ALA A 183 -17.00 -19.48 30.32
CA ALA A 183 -16.12 -20.19 31.23
C ALA A 183 -16.93 -20.88 32.33
N THR A 184 -16.28 -21.79 33.04
CA THR A 184 -16.93 -22.55 34.09
C THR A 184 -16.43 -22.22 35.49
N HIS A 185 -15.58 -21.20 35.62
CA HIS A 185 -15.12 -20.81 36.95
C HIS A 185 -16.09 -19.80 37.57
N GLN A 186 -16.02 -19.70 38.89
CA GLN A 186 -17.06 -19.01 39.65
C GLN A 186 -17.16 -17.54 39.28
N GLU A 187 -16.02 -16.85 39.16
CA GLU A 187 -16.04 -15.42 38.88
C GLU A 187 -16.73 -15.11 37.55
N ALA A 188 -16.51 -15.96 36.54
CA ALA A 188 -17.17 -15.74 35.25
C ALA A 188 -18.66 -16.01 35.34
N ILE A 189 -19.05 -17.04 36.09
CA ILE A 189 -20.46 -17.39 36.21
C ILE A 189 -21.24 -16.29 36.90
N ASN A 190 -20.64 -15.66 37.92
CA ASN A 190 -21.32 -14.55 38.59
C ASN A 190 -21.48 -13.35 37.68
N CYS A 191 -20.53 -13.12 36.76
CA CYS A 191 -20.68 -12.03 35.81
C CYS A 191 -21.69 -12.36 34.73
N TYR A 192 -21.86 -13.65 34.43
CA TYR A 192 -22.78 -14.06 33.37
C TYR A 192 -24.22 -13.79 33.77
N ALA A 193 -24.62 -14.24 34.96
CA ALA A 193 -25.99 -14.01 35.42
C ALA A 193 -26.23 -12.55 35.77
N GLU A 194 -25.19 -11.84 36.23
CA GLU A 194 -25.32 -10.44 36.56
C GLU A 194 -25.49 -9.61 35.28
N GLU A 195 -26.55 -8.80 35.24
CA GLU A 195 -26.82 -8.00 34.05
C GLU A 195 -26.02 -6.70 34.03
N THR A 196 -25.52 -6.26 35.18
CA THR A 196 -24.67 -5.07 35.25
C THR A 196 -23.20 -5.38 34.97
N CYS A 197 -22.85 -6.66 34.78
CA CYS A 197 -21.49 -7.06 34.49
C CYS A 197 -21.41 -7.56 33.05
N CYS A 198 -20.46 -7.00 32.29
CA CYS A 198 -20.19 -7.41 30.93
C CYS A 198 -18.71 -7.71 30.74
N ASP A 199 -18.09 -8.29 31.77
CA ASP A 199 -16.71 -8.72 31.64
C ASP A 199 -16.63 -9.88 30.66
N PHE A 200 -15.57 -9.90 29.86
CA PHE A 200 -15.42 -10.87 28.79
C PHE A 200 -14.48 -11.98 29.25
N PHE A 201 -15.06 -12.98 29.91
CA PHE A 201 -14.34 -14.18 30.30
C PHE A 201 -14.70 -15.31 29.35
N THR A 202 -13.69 -16.02 28.86
CA THR A 202 -13.89 -17.15 27.98
C THR A 202 -13.10 -18.35 28.49
N ASN A 203 -13.60 -19.55 28.18
CA ASN A 203 -12.85 -20.75 28.48
C ASN A 203 -11.61 -20.83 27.60
N GLN A 204 -10.66 -21.67 28.01
CA GLN A 204 -9.37 -21.72 27.32
C GLN A 204 -9.53 -22.20 25.88
N ALA A 205 -10.49 -23.09 25.62
CA ALA A 205 -10.69 -23.60 24.27
C ALA A 205 -11.08 -22.49 23.31
N TYR A 206 -12.00 -21.61 23.73
CA TYR A 206 -12.40 -20.50 22.87
C TYR A 206 -11.24 -19.55 22.63
N ALA A 207 -10.54 -19.16 23.70
CA ALA A 207 -9.45 -18.21 23.56
C ALA A 207 -8.37 -18.70 22.59
N ILE A 208 -8.17 -20.01 22.51
CA ILE A 208 -7.23 -20.55 21.54
C ILE A 208 -7.85 -20.57 20.15
N ALA A 209 -8.98 -21.27 20.00
CA ALA A 209 -9.57 -21.46 18.68
C ALA A 209 -9.98 -20.15 18.04
N SER A 210 -10.47 -19.20 18.83
CA SER A 210 -10.87 -17.90 18.28
C SER A 210 -9.65 -17.13 17.78
N SER A 211 -8.58 -17.08 18.59
CA SER A 211 -7.39 -16.35 18.19
C SER A 211 -6.74 -16.97 16.98
N ILE A 212 -6.68 -18.30 16.93
CA ILE A 212 -6.03 -18.99 15.81
C ILE A 212 -6.85 -18.81 14.53
N VAL A 213 -8.10 -19.26 14.55
CA VAL A 213 -8.90 -19.29 13.32
C VAL A 213 -9.18 -17.87 12.83
N SER A 214 -9.56 -16.97 13.73
CA SER A 214 -10.05 -15.67 13.30
C SER A 214 -8.97 -14.60 13.19
N PHE A 215 -7.84 -14.73 13.89
CA PHE A 215 -6.79 -13.73 13.81
C PHE A 215 -5.48 -14.27 13.26
N TYR A 216 -4.91 -15.32 13.86
CA TYR A 216 -3.54 -15.70 13.51
C TYR A 216 -3.44 -16.28 12.12
N VAL A 217 -4.41 -17.11 11.71
CA VAL A 217 -4.36 -17.71 10.38
C VAL A 217 -4.40 -16.64 9.28
N PRO A 218 -5.37 -15.71 9.26
CA PRO A 218 -5.31 -14.67 8.23
C PRO A 218 -4.12 -13.72 8.40
N LEU A 219 -3.65 -13.51 9.63
CA LEU A 219 -2.48 -12.67 9.84
C LEU A 219 -1.24 -13.30 9.19
N VAL A 220 -0.97 -14.56 9.52
CA VAL A 220 0.20 -15.24 8.97
C VAL A 220 0.10 -15.32 7.45
N ILE A 221 -1.10 -15.56 6.93
CA ILE A 221 -1.30 -15.53 5.48
C ILE A 221 -1.04 -14.13 4.94
N MET A 222 -1.62 -13.11 5.58
CA MET A 222 -1.43 -11.73 5.14
C MET A 222 0.05 -11.36 5.10
N VAL A 223 0.76 -11.60 6.20
CA VAL A 223 2.16 -11.18 6.29
C VAL A 223 3.03 -11.97 5.31
N PHE A 224 2.72 -13.24 5.07
CA PHE A 224 3.53 -14.01 4.13
C PHE A 224 3.18 -13.70 2.68
N VAL A 225 1.89 -13.56 2.37
CA VAL A 225 1.49 -13.32 0.99
C VAL A 225 1.84 -11.90 0.56
N TYR A 226 1.77 -10.93 1.47
CA TYR A 226 2.03 -9.54 1.07
C TYR A 226 3.51 -9.19 1.11
N SER A 227 4.30 -9.88 1.94
CA SER A 227 5.75 -9.81 1.78
C SER A 227 6.18 -10.43 0.46
N ARG A 228 5.37 -11.34 -0.08
CA ARG A 228 5.62 -11.90 -1.40
C ARG A 228 5.32 -10.89 -2.50
N VAL A 229 4.47 -9.89 -2.20
CA VAL A 229 4.16 -8.86 -3.18
C VAL A 229 5.30 -7.86 -3.31
N PHE A 230 5.75 -7.31 -2.16
CA PHE A 230 6.90 -6.41 -2.18
C PHE A 230 8.10 -7.04 -2.86
N GLN A 231 8.26 -8.35 -2.75
CA GLN A 231 9.38 -9.03 -3.36
C GLN A 231 9.22 -9.19 -4.87
N GLU A 232 7.99 -9.18 -5.36
CA GLU A 232 7.77 -9.23 -6.81
C GLU A 232 7.87 -7.86 -7.45
N ALA A 233 7.38 -6.82 -6.75
CA ALA A 233 7.52 -5.46 -7.26
C ALA A 233 8.99 -5.09 -7.44
N LYS A 234 9.84 -5.50 -6.50
CA LYS A 234 11.26 -5.20 -6.60
C LYS A 234 11.93 -6.07 -7.65
N ARG A 235 11.55 -7.35 -7.72
CA ARG A 235 12.14 -8.23 -8.72
C ARG A 235 11.70 -7.83 -10.13
N GLN A 236 10.46 -7.40 -10.28
CA GLN A 236 9.89 -7.06 -11.58
C GLN A 236 10.03 -5.57 -11.86
N LEU A 237 11.28 -5.11 -11.91
CA LEU A 237 11.62 -3.77 -12.33
C LEU A 237 12.45 -3.87 -13.60
N ASN A 238 11.86 -3.50 -14.72
CA ASN A 238 12.52 -3.49 -16.02
C ASN A 238 12.99 -2.08 -16.34
N ILE A 239 13.45 -1.88 -17.57
CA ILE A 239 13.89 -0.54 -17.99
C ILE A 239 12.69 0.40 -18.14
N PHE A 240 11.51 -0.14 -18.46
CA PHE A 240 10.36 0.71 -18.74
C PHE A 240 9.87 1.41 -17.47
N GLU A 241 9.69 0.65 -16.39
CA GLU A 241 9.34 1.27 -15.12
C GLU A 241 10.48 2.10 -14.56
N MET A 242 11.73 1.71 -14.83
CA MET A 242 12.87 2.51 -14.39
C MET A 242 12.83 3.91 -15.01
N LEU A 243 12.72 3.97 -16.34
CA LEU A 243 12.66 5.26 -17.02
C LEU A 243 11.44 6.06 -16.59
N ARG A 244 10.26 5.42 -16.64
CA ARG A 244 9.02 6.13 -16.35
C ARG A 244 9.03 6.74 -14.95
N ILE A 245 9.83 6.18 -14.03
CA ILE A 245 9.99 6.81 -12.72
C ILE A 245 10.80 8.09 -12.83
N ASP A 246 12.05 7.98 -13.27
CA ASP A 246 12.97 9.11 -13.20
C ASP A 246 12.92 10.02 -14.43
N GLU A 247 12.20 9.61 -15.47
CA GLU A 247 11.97 10.49 -16.61
C GLU A 247 10.65 11.24 -16.53
N GLY A 248 9.67 10.68 -15.80
CA GLY A 248 8.37 11.30 -15.66
C GLY A 248 7.47 11.04 -16.86
N LEU A 249 6.26 11.56 -16.77
CA LEU A 249 5.29 11.44 -17.86
C LEU A 249 4.45 12.71 -17.91
N ARG A 250 4.53 13.43 -19.02
CA ARG A 250 3.68 14.58 -19.29
C ARG A 250 3.03 14.39 -20.64
N LEU A 251 1.76 14.79 -20.75
CA LEU A 251 1.02 14.70 -22.00
C LEU A 251 1.02 16.01 -22.77
N LYS A 252 1.69 17.04 -22.26
CA LYS A 252 1.77 18.34 -22.89
C LYS A 252 3.23 18.67 -23.16
N ILE A 253 3.50 19.30 -24.31
CA ILE A 253 4.87 19.62 -24.67
C ILE A 253 5.48 20.53 -23.61
N TYR A 254 6.68 20.17 -23.16
CA TYR A 254 7.36 20.92 -22.11
C TYR A 254 8.85 21.01 -22.46
N LYS A 255 9.55 21.85 -21.71
CA LYS A 255 11.00 21.98 -21.85
C LYS A 255 11.68 21.07 -20.83
N ASP A 256 12.65 20.28 -21.28
CA ASP A 256 13.35 19.36 -20.40
C ASP A 256 14.40 20.13 -19.60
N THR A 257 15.30 19.40 -18.93
CA THR A 257 16.31 20.06 -18.10
C THR A 257 17.26 20.91 -18.95
N GLU A 258 17.47 20.53 -20.21
CA GLU A 258 18.30 21.31 -21.12
C GLU A 258 17.52 22.41 -21.84
N GLY A 259 16.20 22.47 -21.67
CA GLY A 259 15.38 23.44 -22.34
C GLY A 259 14.80 23.00 -23.66
N TYR A 260 15.12 21.79 -24.12
CA TYR A 260 14.65 21.31 -25.41
C TYR A 260 13.21 20.82 -25.31
N TYR A 261 12.43 21.08 -26.35
CA TYR A 261 11.04 20.66 -26.36
C TYR A 261 10.92 19.15 -26.35
N THR A 262 10.28 18.61 -25.31
CA THR A 262 10.03 17.18 -25.18
C THR A 262 8.57 16.95 -24.83
N ILE A 263 8.12 15.70 -25.00
CA ILE A 263 6.75 15.30 -24.73
C ILE A 263 6.76 13.84 -24.32
N GLY A 264 5.65 13.37 -23.76
CA GLY A 264 5.54 11.96 -23.39
C GLY A 264 6.43 11.64 -22.21
N ILE A 265 7.12 10.51 -22.31
CA ILE A 265 8.13 10.13 -21.32
C ILE A 265 9.47 10.49 -21.92
N GLY A 266 9.89 11.74 -21.69
CA GLY A 266 11.18 12.24 -22.14
C GLY A 266 11.48 12.07 -23.63
N HIS A 267 10.46 12.01 -24.46
CA HIS A 267 10.67 11.92 -25.90
C HIS A 267 11.11 13.28 -26.43
N LEU A 268 12.36 13.36 -26.88
CA LEU A 268 12.86 14.60 -27.46
C LEU A 268 12.16 14.87 -28.78
N LEU A 269 11.55 16.05 -28.89
CA LEU A 269 10.88 16.46 -30.13
C LEU A 269 11.87 17.12 -31.10
N THR A 270 12.55 18.16 -30.65
CA THR A 270 13.51 18.88 -31.47
C THR A 270 14.40 19.72 -30.56
N LYS A 271 15.51 20.19 -31.11
CA LYS A 271 16.42 21.08 -30.41
C LYS A 271 16.33 22.51 -30.93
N SER A 272 15.38 22.80 -31.81
CA SER A 272 15.11 24.15 -32.27
C SER A 272 14.13 24.84 -31.32
N PRO A 273 14.33 26.14 -31.05
CA PRO A 273 13.46 26.83 -30.09
C PRO A 273 12.04 27.07 -30.58
N SER A 274 11.70 26.63 -31.79
CA SER A 274 10.37 26.85 -32.34
C SER A 274 9.39 25.83 -31.78
N LEU A 275 8.25 26.33 -31.28
CA LEU A 275 7.24 25.44 -30.73
C LEU A 275 6.53 24.65 -31.82
N ASN A 276 6.22 25.29 -32.95
CA ASN A 276 5.61 24.57 -34.05
C ASN A 276 6.57 23.56 -34.67
N ALA A 277 7.87 23.87 -34.67
CA ALA A 277 8.86 22.87 -35.09
C ALA A 277 8.78 21.63 -34.22
N ALA A 278 8.53 21.81 -32.91
CA ALA A 278 8.31 20.68 -32.03
C ALA A 278 6.93 20.08 -32.21
N LYS A 279 5.94 20.90 -32.55
CA LYS A 279 4.60 20.38 -32.82
C LYS A 279 4.52 19.71 -34.18
N SER A 280 5.22 20.24 -35.18
CA SER A 280 5.19 19.62 -36.50
C SER A 280 5.98 18.33 -36.52
N GLU A 281 7.10 18.27 -35.79
CA GLU A 281 7.81 17.01 -35.63
C GLU A 281 7.00 16.01 -34.81
N LEU A 282 6.22 16.50 -33.85
CA LEU A 282 5.35 15.62 -33.09
C LEU A 282 4.29 14.99 -33.99
N ASP A 283 3.68 15.78 -34.87
CA ASP A 283 2.62 15.26 -35.73
C ASP A 283 3.19 14.31 -36.79
N LYS A 284 4.43 14.55 -37.25
CA LYS A 284 5.03 13.64 -38.23
C LYS A 284 5.34 12.29 -37.60
N ALA A 285 5.75 12.28 -36.34
CA ALA A 285 6.06 11.02 -35.66
C ALA A 285 4.80 10.26 -35.26
N ILE A 286 3.74 10.98 -34.89
CA ILE A 286 2.50 10.32 -34.50
C ILE A 286 1.61 10.04 -35.71
N GLY A 287 1.64 10.90 -36.72
CA GLY A 287 0.72 10.81 -37.84
C GLY A 287 -0.60 11.50 -37.62
N ARG A 288 -0.82 12.09 -36.44
CA ARG A 288 -2.05 12.77 -36.11
C ARG A 288 -1.77 14.22 -35.76
N ASN A 289 -2.67 15.12 -36.15
CA ASN A 289 -2.57 16.53 -35.77
C ASN A 289 -2.97 16.64 -34.30
N THR A 290 -1.99 16.86 -33.42
CA THR A 290 -2.20 16.79 -31.99
C THR A 290 -2.29 18.14 -31.30
N ASN A 291 -1.78 19.20 -31.93
CA ASN A 291 -1.70 20.53 -31.32
C ASN A 291 -0.93 20.49 -30.00
N GLY A 292 0.02 19.57 -29.88
CA GLY A 292 0.88 19.49 -28.71
C GLY A 292 0.36 18.66 -27.56
N VAL A 293 -0.76 17.96 -27.72
CA VAL A 293 -1.31 17.11 -26.67
C VAL A 293 -1.58 15.73 -27.24
N ILE A 294 -1.18 14.69 -26.50
CA ILE A 294 -1.32 13.30 -26.92
C ILE A 294 -1.84 12.47 -25.76
N THR A 295 -2.44 11.33 -26.09
CA THR A 295 -2.96 10.42 -25.09
C THR A 295 -1.83 9.57 -24.49
N LYS A 296 -2.17 8.80 -23.46
CA LYS A 296 -1.18 7.96 -22.82
C LYS A 296 -0.85 6.74 -23.66
N ASP A 297 -1.79 6.29 -24.49
CA ASP A 297 -1.54 5.13 -25.35
C ASP A 297 -0.45 5.41 -26.36
N GLU A 298 -0.64 6.45 -27.16
CA GLU A 298 0.35 6.87 -28.14
C GLU A 298 1.59 7.51 -27.50
N ALA A 299 1.60 7.69 -26.19
CA ALA A 299 2.81 8.14 -25.49
C ALA A 299 3.68 6.96 -25.07
N GLU A 300 3.06 5.84 -24.70
CA GLU A 300 3.82 4.61 -24.45
C GLU A 300 4.42 4.06 -25.73
N LYS A 301 3.71 4.21 -26.86
CA LYS A 301 4.22 3.74 -28.12
C LYS A 301 5.48 4.49 -28.53
N LEU A 302 5.52 5.80 -28.25
CA LEU A 302 6.75 6.56 -28.42
C LEU A 302 7.81 6.10 -27.41
N PHE A 303 7.40 5.84 -26.17
CA PHE A 303 8.33 5.40 -25.15
C PHE A 303 8.97 4.06 -25.52
N ASN A 304 8.20 3.17 -26.16
CA ASN A 304 8.76 1.91 -26.61
C ASN A 304 9.77 2.12 -27.73
N GLN A 305 9.42 2.95 -28.71
CA GLN A 305 10.32 3.22 -29.83
C GLN A 305 11.62 3.83 -29.35
N ASP A 306 11.54 4.73 -28.37
CA ASP A 306 12.76 5.36 -27.83
C ASP A 306 13.65 4.33 -27.15
N VAL A 307 13.05 3.44 -26.34
CA VAL A 307 13.84 2.40 -25.70
C VAL A 307 14.39 1.43 -26.74
N ASP A 308 13.63 1.15 -27.79
CA ASP A 308 14.13 0.31 -28.87
C ASP A 308 15.31 0.98 -29.58
N ALA A 309 15.21 2.29 -29.82
CA ALA A 309 16.32 3.01 -30.43
C ALA A 309 17.54 3.02 -29.52
N ALA A 310 17.33 2.98 -28.20
CA ALA A 310 18.45 2.95 -27.27
C ALA A 310 19.16 1.61 -27.31
N VAL A 311 18.40 0.51 -27.31
CA VAL A 311 19.01 -0.82 -27.35
C VAL A 311 19.68 -1.05 -28.70
N ARG A 312 18.99 -0.69 -29.80
CA ARG A 312 19.61 -0.78 -31.11
C ARG A 312 20.85 0.09 -31.21
N GLY A 313 20.85 1.25 -30.53
CA GLY A 313 22.01 2.12 -30.57
C GLY A 313 23.18 1.58 -29.77
N ILE A 314 22.90 0.92 -28.65
CA ILE A 314 23.96 0.28 -27.88
C ILE A 314 24.59 -0.85 -28.69
N LEU A 315 23.82 -1.51 -29.55
CA LEU A 315 24.35 -2.61 -30.34
C LEU A 315 25.05 -2.14 -31.60
N ARG A 316 24.63 -0.99 -32.17
CA ARG A 316 25.34 -0.45 -33.32
C ARG A 316 26.71 0.06 -32.92
N ASN A 317 26.78 0.85 -31.85
CA ASN A 317 28.05 1.40 -31.40
C ASN A 317 28.98 0.29 -30.94
N ALA A 318 30.22 0.31 -31.46
CA ALA A 318 31.19 -0.71 -31.11
C ALA A 318 31.76 -0.50 -29.71
N LYS A 319 31.70 0.72 -29.18
CA LYS A 319 32.25 1.00 -27.86
C LYS A 319 31.28 0.64 -26.74
N LEU A 320 29.98 0.56 -27.04
CA LEU A 320 28.98 0.19 -26.05
C LEU A 320 28.58 -1.27 -26.11
N LYS A 321 28.76 -1.92 -27.26
CA LYS A 321 28.32 -3.30 -27.44
C LYS A 321 28.94 -4.27 -26.46
N PRO A 322 30.28 -4.34 -26.30
CA PRO A 322 30.83 -5.36 -25.39
C PRO A 322 30.53 -5.10 -23.93
N VAL A 323 30.36 -3.84 -23.53
CA VAL A 323 30.05 -3.54 -22.14
C VAL A 323 28.62 -3.97 -21.81
N TYR A 324 27.69 -3.71 -22.72
CA TYR A 324 26.30 -4.13 -22.51
C TYR A 324 26.21 -5.64 -22.34
N ASP A 325 26.98 -6.40 -23.11
CA ASP A 325 26.94 -7.85 -23.01
C ASP A 325 27.52 -8.33 -21.70
N SER A 326 28.56 -7.67 -21.20
CA SER A 326 29.17 -8.03 -19.92
C SER A 326 28.47 -7.34 -18.75
N LEU A 327 27.15 -7.46 -18.71
CA LEU A 327 26.35 -6.87 -17.64
C LEU A 327 25.13 -7.74 -17.39
N ASP A 328 24.65 -7.71 -16.15
CA ASP A 328 23.41 -8.37 -15.78
C ASP A 328 22.22 -7.47 -16.11
N ALA A 329 21.01 -8.04 -16.00
CA ALA A 329 19.81 -7.35 -16.45
C ALA A 329 19.60 -6.02 -15.75
N VAL A 330 20.00 -5.93 -14.48
CA VAL A 330 19.81 -4.68 -13.74
C VAL A 330 20.73 -3.58 -14.27
N ARG A 331 21.97 -3.95 -14.62
CA ARG A 331 22.90 -2.95 -15.14
C ARG A 331 22.75 -2.76 -16.64
N ARG A 332 22.21 -3.74 -17.35
CA ARG A 332 21.80 -3.50 -18.73
C ARG A 332 20.75 -2.41 -18.80
N ALA A 333 19.78 -2.42 -17.87
CA ALA A 333 18.78 -1.37 -17.83
C ALA A 333 19.41 -0.02 -17.48
N ALA A 334 20.29 0.01 -16.48
CA ALA A 334 20.94 1.27 -16.12
C ALA A 334 21.75 1.83 -17.28
N LEU A 335 22.26 0.97 -18.15
CA LEU A 335 22.97 1.43 -19.35
C LEU A 335 21.99 1.95 -20.40
N ILE A 336 20.89 1.22 -20.62
CA ILE A 336 19.85 1.69 -21.54
C ILE A 336 19.32 3.04 -21.09
N ASN A 337 19.29 3.28 -19.78
CA ASN A 337 18.83 4.57 -19.26
C ASN A 337 19.78 5.70 -19.66
N MET A 338 21.09 5.47 -19.57
CA MET A 338 22.05 6.51 -19.95
C MET A 338 21.93 6.85 -21.43
N VAL A 339 21.82 5.84 -22.29
CA VAL A 339 21.68 6.10 -23.72
C VAL A 339 20.33 6.74 -24.00
N PHE A 340 19.30 6.42 -23.20
CA PHE A 340 18.00 7.05 -23.39
C PHE A 340 18.07 8.56 -23.20
N GLN A 341 18.84 9.01 -22.21
CA GLN A 341 18.92 10.42 -21.85
C GLN A 341 19.92 11.21 -22.68
N MET A 342 21.03 10.58 -23.06
CA MET A 342 22.16 11.31 -23.64
C MET A 342 22.47 10.94 -25.08
N GLY A 343 22.09 9.75 -25.53
CA GLY A 343 22.43 9.29 -26.86
C GLY A 343 23.59 8.32 -26.86
N GLU A 344 23.84 7.74 -28.04
CA GLU A 344 24.88 6.72 -28.16
C GLU A 344 26.26 7.33 -28.04
N THR A 345 26.51 8.42 -28.78
CA THR A 345 27.84 9.01 -28.80
C THR A 345 28.19 9.68 -27.48
N GLY A 346 27.19 10.22 -26.78
CA GLY A 346 27.45 10.86 -25.50
C GLY A 346 27.84 9.86 -24.42
N VAL A 347 27.20 8.69 -24.43
CA VAL A 347 27.49 7.68 -23.41
C VAL A 347 28.84 7.00 -23.70
N ALA A 348 29.23 6.92 -24.98
CA ALA A 348 30.49 6.30 -25.33
C ALA A 348 31.70 7.14 -24.91
N GLY A 349 31.50 8.37 -24.48
CA GLY A 349 32.61 9.19 -24.03
C GLY A 349 33.19 8.78 -22.69
N PHE A 350 32.44 8.00 -21.91
CA PHE A 350 32.87 7.55 -20.59
C PHE A 350 33.82 6.35 -20.74
N THR A 351 34.94 6.60 -21.42
CA THR A 351 35.82 5.52 -21.85
C THR A 351 36.33 4.70 -20.67
N ASN A 352 36.62 5.35 -19.55
CA ASN A 352 37.11 4.61 -18.38
C ASN A 352 35.98 3.86 -17.69
N SER A 353 34.81 4.50 -17.52
CA SER A 353 33.69 3.82 -16.88
C SER A 353 33.20 2.64 -17.71
N LEU A 354 33.33 2.71 -19.03
CA LEU A 354 32.93 1.58 -19.87
C LEU A 354 33.86 0.38 -19.66
N ARG A 355 35.16 0.63 -19.58
CA ARG A 355 36.11 -0.46 -19.38
C ARG A 355 35.95 -1.11 -18.01
N MET A 356 35.52 -0.36 -17.00
CA MET A 356 35.40 -0.91 -15.67
C MET A 356 34.11 -1.69 -15.50
N LEU A 357 32.99 -1.20 -16.06
CA LEU A 357 31.74 -1.96 -16.00
C LEU A 357 31.86 -3.27 -16.74
N GLN A 358 32.72 -3.35 -17.75
CA GLN A 358 32.99 -4.63 -18.40
C GLN A 358 33.95 -5.48 -17.58
N GLN A 359 34.89 -4.86 -16.88
CA GLN A 359 35.73 -5.55 -15.91
C GLN A 359 34.99 -5.86 -14.61
N LYS A 360 33.72 -5.47 -14.51
CA LYS A 360 32.86 -5.78 -13.37
C LYS A 360 33.40 -5.16 -12.08
N ARG A 361 34.08 -4.02 -12.21
CA ARG A 361 34.66 -3.28 -11.09
C ARG A 361 33.68 -2.14 -10.76
N TRP A 362 32.62 -2.50 -10.02
CA TRP A 362 31.44 -1.63 -9.97
C TRP A 362 31.71 -0.37 -9.18
N ASP A 363 32.26 -0.50 -7.97
CA ASP A 363 32.54 0.66 -7.13
C ASP A 363 33.48 1.63 -7.82
N GLU A 364 34.45 1.11 -8.58
CA GLU A 364 35.40 1.99 -9.26
C GLU A 364 34.77 2.69 -10.45
N ALA A 365 33.89 1.99 -11.16
CA ALA A 365 33.15 2.64 -12.25
C ALA A 365 32.18 3.68 -11.71
N ALA A 366 31.60 3.42 -10.54
CA ALA A 366 30.65 4.34 -9.93
C ALA A 366 31.29 5.68 -9.55
N VAL A 367 32.61 5.71 -9.39
CA VAL A 367 33.29 6.95 -9.02
C VAL A 367 33.53 7.81 -10.24
N ASN A 368 34.02 7.22 -11.33
CA ASN A 368 34.16 7.97 -12.57
C ASN A 368 32.82 8.41 -13.13
N LEU A 369 31.76 7.63 -12.86
CA LEU A 369 30.42 8.09 -13.24
C LEU A 369 30.01 9.31 -12.44
N ALA A 370 30.54 9.46 -11.23
CA ALA A 370 30.26 10.66 -10.44
C ALA A 370 31.14 11.83 -10.85
N LYS A 371 32.36 11.57 -11.34
CA LYS A 371 33.28 12.63 -11.80
C LYS A 371 32.89 13.21 -13.15
N SER A 372 31.70 12.89 -13.65
CA SER A 372 31.22 13.41 -14.92
C SER A 372 30.25 14.56 -14.70
N ARG A 373 30.02 15.33 -15.78
CA ARG A 373 29.08 16.43 -15.74
C ARG A 373 27.64 15.98 -15.91
N TRP A 374 27.42 14.71 -16.26
CA TRP A 374 26.08 14.14 -16.22
C TRP A 374 25.54 14.09 -14.80
N TYR A 375 26.38 13.65 -13.86
CA TYR A 375 26.00 13.69 -12.44
C TYR A 375 25.87 15.12 -11.93
N ASN A 376 26.41 16.09 -12.67
CA ASN A 376 26.29 17.50 -12.29
C ASN A 376 24.92 18.06 -12.69
N GLN A 377 24.54 17.88 -13.96
CA GLN A 377 23.31 18.48 -14.46
C GLN A 377 22.08 17.87 -13.82
N THR A 378 21.97 16.54 -13.84
CA THR A 378 20.87 15.82 -13.21
C THR A 378 21.46 14.86 -12.17
N PRO A 379 21.69 15.33 -10.94
CA PRO A 379 22.28 14.43 -9.94
C PRO A 379 21.33 13.38 -9.43
N ASN A 380 20.07 13.74 -9.18
CA ASN A 380 19.11 12.78 -8.63
C ASN A 380 18.93 11.58 -9.56
N ARG A 381 18.90 11.82 -10.87
CA ARG A 381 18.78 10.72 -11.81
C ARG A 381 20.07 9.94 -11.94
N ALA A 382 21.21 10.65 -11.99
CA ALA A 382 22.50 9.96 -12.09
C ALA A 382 22.78 9.13 -10.85
N LYS A 383 22.41 9.65 -9.67
CA LYS A 383 22.53 8.88 -8.44
C LYS A 383 21.84 7.52 -8.56
N ARG A 384 20.58 7.54 -8.99
CA ARG A 384 19.82 6.29 -9.09
C ARG A 384 20.40 5.36 -10.15
N VAL A 385 21.02 5.91 -11.20
CA VAL A 385 21.60 5.07 -12.24
C VAL A 385 22.97 4.56 -11.81
N ILE A 386 23.80 5.44 -11.23
CA ILE A 386 25.11 5.01 -10.74
C ILE A 386 24.95 3.94 -9.67
N THR A 387 24.03 4.17 -8.72
CA THR A 387 23.79 3.19 -7.67
C THR A 387 23.28 1.88 -8.25
N THR A 388 22.54 1.95 -9.36
CA THR A 388 22.08 0.72 -10.00
C THR A 388 23.24 -0.05 -10.63
N PHE A 389 24.20 0.65 -11.22
CA PHE A 389 25.44 0.00 -11.65
C PHE A 389 26.22 -0.50 -10.44
N ARG A 390 26.33 0.33 -9.41
CA ARG A 390 27.22 0.03 -8.29
C ARG A 390 26.72 -1.17 -7.50
N THR A 391 25.42 -1.22 -7.20
CA THR A 391 24.87 -2.27 -6.36
C THR A 391 24.29 -3.44 -7.15
N GLY A 392 23.96 -3.23 -8.43
CA GLY A 392 23.32 -4.28 -9.19
C GLY A 392 21.95 -4.67 -8.68
N THR A 393 21.29 -3.77 -7.97
CA THR A 393 19.93 -4.02 -7.48
C THR A 393 19.03 -2.86 -7.86
N TRP A 394 17.81 -2.85 -7.33
CA TRP A 394 16.85 -1.77 -7.59
C TRP A 394 16.56 -0.96 -6.33
N ASP A 395 17.53 -0.89 -5.42
CA ASP A 395 17.32 -0.18 -4.16
C ASP A 395 17.16 1.33 -4.39
N ALA A 396 17.78 1.87 -5.43
CA ALA A 396 17.64 3.29 -5.71
C ALA A 396 16.26 3.65 -6.24
N TYR A 397 15.47 2.66 -6.66
CA TYR A 397 14.13 2.89 -7.20
C TYR A 397 13.05 2.25 -6.33
N LYS A 398 13.35 1.98 -5.06
CA LYS A 398 12.34 1.43 -4.16
C LYS A 398 11.20 2.42 -3.97
N PHE A 399 9.98 1.96 -4.24
CA PHE A 399 8.76 2.71 -3.96
C PHE A 399 8.76 4.07 -4.64
N CYS A 400 9.42 4.16 -5.79
CA CYS A 400 9.43 5.39 -6.58
C CYS A 400 8.35 5.40 -7.64
N LEU A 401 7.87 4.23 -8.05
CA LEU A 401 6.80 4.17 -9.05
C LEU A 401 5.45 4.35 -8.36
N LYS A 402 4.52 5.00 -9.08
CA LYS A 402 3.21 5.31 -8.51
C LYS A 402 2.51 4.07 -7.97
N GLU A 403 2.56 2.97 -8.72
CA GLU A 403 1.87 1.76 -8.31
C GLU A 403 2.58 1.05 -7.16
N HIS A 404 3.89 1.26 -7.00
CA HIS A 404 4.60 0.73 -5.84
C HIS A 404 4.29 1.53 -4.59
N LYS A 405 4.08 2.85 -4.74
CA LYS A 405 3.66 3.66 -3.61
C LYS A 405 2.26 3.26 -3.16
N ALA A 406 1.40 2.86 -4.09
CA ALA A 406 0.07 2.38 -3.72
C ALA A 406 0.16 1.08 -2.94
N LEU A 407 1.10 0.20 -3.31
CA LEU A 407 1.29 -1.04 -2.56
C LEU A 407 1.86 -0.77 -1.17
N LYS A 408 2.87 0.11 -1.10
CA LYS A 408 3.43 0.49 0.19
C LYS A 408 2.38 1.09 1.11
N THR A 409 1.40 1.79 0.54
CA THR A 409 0.28 2.29 1.34
C THR A 409 -0.50 1.13 1.94
N LEU A 410 -0.83 0.13 1.12
CA LEU A 410 -1.53 -1.05 1.60
C LEU A 410 -0.69 -1.88 2.55
N GLY A 411 0.64 -1.78 2.46
CA GLY A 411 1.50 -2.44 3.43
C GLY A 411 1.57 -1.75 4.77
N ILE A 412 1.17 -0.47 4.83
CA ILE A 412 1.19 0.26 6.08
C ILE A 412 -0.09 0.04 6.88
N ILE A 413 -1.24 -0.03 6.21
CA ILE A 413 -2.48 -0.35 6.91
C ILE A 413 -2.42 -1.76 7.48
N MET A 414 -1.66 -2.65 6.83
CA MET A 414 -1.50 -4.01 7.33
C MET A 414 -0.50 -4.05 8.48
N GLY A 415 0.66 -3.41 8.31
CA GLY A 415 1.64 -3.37 9.38
C GLY A 415 1.14 -2.64 10.61
N THR A 416 0.27 -1.64 10.42
CA THR A 416 -0.34 -0.97 11.56
C THR A 416 -1.36 -1.87 12.23
N PHE A 417 -2.19 -2.55 11.44
CA PHE A 417 -3.17 -3.49 12.00
C PHE A 417 -2.47 -4.55 12.84
N THR A 418 -1.29 -4.98 12.41
CA THR A 418 -0.54 -5.98 13.17
C THR A 418 -0.06 -5.40 14.50
N LEU A 419 0.59 -4.24 14.45
CA LEU A 419 1.14 -3.66 15.67
C LEU A 419 0.07 -3.22 16.66
N CYS A 420 -1.17 -3.03 16.21
CA CYS A 420 -2.24 -2.62 17.14
C CYS A 420 -2.90 -3.82 17.81
N TRP A 421 -3.01 -4.96 17.11
CA TRP A 421 -3.70 -6.11 17.63
C TRP A 421 -2.80 -7.25 18.08
N LEU A 422 -1.62 -7.38 17.48
CA LEU A 422 -0.72 -8.47 17.88
C LEU A 422 -0.34 -8.42 19.37
N PRO A 423 -0.05 -7.26 19.98
CA PRO A 423 0.15 -7.26 21.44
C PRO A 423 -1.06 -7.79 22.20
N PHE A 424 -2.27 -7.38 21.81
CA PHE A 424 -3.47 -7.89 22.46
C PHE A 424 -3.58 -9.41 22.31
N PHE A 425 -3.37 -9.92 21.10
CA PHE A 425 -3.55 -11.34 20.86
C PHE A 425 -2.40 -12.19 21.41
N ILE A 426 -1.18 -11.64 21.49
CA ILE A 426 -0.11 -12.40 22.13
C ILE A 426 -0.37 -12.50 23.62
N VAL A 427 -0.99 -11.50 24.22
CA VAL A 427 -1.26 -11.56 25.65
C VAL A 427 -2.40 -12.52 25.94
N ASN A 428 -3.39 -12.62 25.04
CA ASN A 428 -4.42 -13.64 25.19
C ASN A 428 -3.83 -15.04 25.15
N ILE A 429 -2.91 -15.28 24.21
CA ILE A 429 -2.39 -16.62 24.01
C ILE A 429 -1.44 -17.01 25.15
N VAL A 430 -0.83 -16.03 25.82
CA VAL A 430 0.05 -16.32 26.95
C VAL A 430 -0.76 -16.44 28.24
N HIS A 431 -1.74 -15.55 28.42
CA HIS A 431 -2.73 -15.66 29.49
C HIS A 431 -3.25 -17.08 29.67
N VAL A 432 -3.55 -17.75 28.56
CA VAL A 432 -4.08 -19.11 28.64
C VAL A 432 -2.99 -20.09 29.04
N ILE A 433 -1.82 -19.98 28.41
CA ILE A 433 -0.74 -20.94 28.67
C ILE A 433 -0.19 -20.76 30.08
N GLN A 434 -0.02 -19.51 30.52
CA GLN A 434 0.53 -19.24 31.85
C GLN A 434 -0.46 -19.59 32.95
N ASP A 435 -1.75 -19.74 32.62
CA ASP A 435 -2.85 -20.14 33.50
C ASP A 435 -3.17 -19.12 34.59
N ASN A 436 -2.50 -17.97 34.62
CA ASN A 436 -2.88 -16.91 35.54
C ASN A 436 -3.87 -15.96 34.86
N LEU A 437 -4.91 -15.59 35.60
CA LEU A 437 -5.95 -14.74 35.04
C LEU A 437 -5.38 -13.38 34.65
N ILE A 438 -5.99 -12.78 33.63
CA ILE A 438 -5.41 -11.61 32.99
C ILE A 438 -5.78 -10.36 33.77
N ARG A 439 -4.87 -9.40 33.76
CA ARG A 439 -5.04 -8.14 34.48
C ARG A 439 -6.09 -7.30 33.76
N LYS A 440 -7.23 -7.07 34.42
CA LYS A 440 -8.38 -6.47 33.74
C LYS A 440 -8.04 -5.12 33.13
N GLU A 441 -7.17 -4.34 33.77
CA GLU A 441 -6.75 -3.07 33.14
C GLU A 441 -5.67 -3.28 32.11
N VAL A 442 -4.78 -4.26 32.30
CA VAL A 442 -3.78 -4.55 31.27
C VAL A 442 -4.43 -5.21 30.07
N TYR A 443 -5.46 -6.02 30.30
CA TYR A 443 -6.21 -6.62 29.20
C TYR A 443 -6.93 -5.56 28.38
N ILE A 444 -7.81 -4.79 29.03
CA ILE A 444 -8.60 -3.80 28.31
C ILE A 444 -7.72 -2.74 27.65
N LEU A 445 -6.58 -2.43 28.27
CA LEU A 445 -5.61 -1.53 27.66
C LEU A 445 -5.25 -1.97 26.24
N LEU A 446 -4.68 -3.17 26.12
CA LEU A 446 -4.21 -3.67 24.83
C LEU A 446 -5.35 -3.84 23.83
N ASN A 447 -6.59 -3.98 24.31
CA ASN A 447 -7.73 -4.01 23.40
C ASN A 447 -8.01 -2.61 22.84
N TRP A 448 -7.65 -1.57 23.57
CA TRP A 448 -7.84 -0.20 23.10
C TRP A 448 -6.75 0.25 22.13
N ILE A 449 -5.53 -0.29 22.25
CA ILE A 449 -4.58 -0.13 21.17
C ILE A 449 -5.14 -0.71 19.88
N GLY A 450 -5.92 -1.78 19.99
CA GLY A 450 -6.62 -2.29 18.83
C GLY A 450 -7.78 -1.39 18.41
N TYR A 451 -8.45 -0.76 19.36
CA TYR A 451 -9.57 0.11 19.04
C TYR A 451 -9.13 1.34 18.24
N VAL A 452 -7.96 1.89 18.55
CA VAL A 452 -7.51 3.12 17.92
C VAL A 452 -7.02 2.82 16.50
N ASN A 453 -7.01 1.54 16.13
CA ASN A 453 -6.71 1.19 14.75
C ASN A 453 -7.76 1.71 13.78
N SER A 454 -9.01 1.80 14.22
CA SER A 454 -10.09 2.21 13.33
C SER A 454 -9.97 3.67 12.89
N GLY A 455 -9.15 4.46 13.56
CA GLY A 455 -8.88 5.83 13.16
C GLY A 455 -7.60 6.03 12.40
N PHE A 456 -6.80 4.98 12.20
CA PHE A 456 -5.51 5.11 11.52
C PHE A 456 -5.62 4.97 10.01
N ASN A 457 -6.59 4.23 9.50
CA ASN A 457 -6.70 4.03 8.06
C ASN A 457 -6.91 5.33 7.28
N PRO A 458 -7.77 6.27 7.69
CA PRO A 458 -7.94 7.49 6.88
C PRO A 458 -6.67 8.33 6.74
N LEU A 459 -5.79 8.33 7.75
CA LEU A 459 -4.55 9.09 7.62
C LEU A 459 -3.57 8.41 6.66
N ILE A 460 -3.52 7.09 6.66
CA ILE A 460 -2.69 6.36 5.72
C ILE A 460 -3.22 6.54 4.30
N TYR A 461 -4.51 6.85 4.16
CA TYR A 461 -5.08 7.12 2.85
C TYR A 461 -4.79 8.55 2.39
N CYS A 462 -4.65 9.48 3.33
CA CYS A 462 -4.13 10.80 3.01
C CYS A 462 -2.69 10.75 2.53
N ARG A 463 -2.06 9.58 2.58
CA ARG A 463 -0.75 9.37 2.00
C ARG A 463 -0.83 8.99 0.52
N SER A 464 -2.02 8.66 0.02
CA SER A 464 -2.31 8.51 -1.41
C SER A 464 -2.67 9.85 -2.03
N PRO A 465 -2.21 10.12 -3.25
CA PRO A 465 -2.57 11.40 -3.90
C PRO A 465 -4.02 11.48 -4.31
N ASP A 466 -4.64 10.36 -4.68
CA ASP A 466 -6.03 10.38 -5.13
C ASP A 466 -6.99 10.60 -3.97
N PHE A 467 -6.68 10.08 -2.78
CA PHE A 467 -7.56 10.32 -1.64
C PHE A 467 -7.46 11.76 -1.14
N ARG A 468 -6.25 12.34 -1.15
CA ARG A 468 -6.11 13.74 -0.77
C ARG A 468 -6.99 14.63 -1.64
N ILE A 469 -6.93 14.45 -2.96
CA ILE A 469 -7.77 15.23 -3.86
C ILE A 469 -9.24 14.92 -3.61
N ALA A 470 -9.56 13.69 -3.22
CA ALA A 470 -10.95 13.33 -2.93
C ALA A 470 -11.40 13.89 -1.58
N PHE A 471 -10.55 13.80 -0.55
CA PHE A 471 -10.93 14.30 0.76
C PHE A 471 -11.13 15.81 0.74
N GLN A 472 -10.28 16.54 0.00
CA GLN A 472 -10.37 17.99 0.00
C GLN A 472 -11.67 18.47 -0.63
N GLU A 473 -12.15 17.77 -1.67
CA GLU A 473 -13.45 18.09 -2.23
C GLU A 473 -14.57 17.88 -1.21
N LEU A 474 -14.57 16.73 -0.54
CA LEU A 474 -15.61 16.46 0.45
C LEU A 474 -15.55 17.46 1.60
N LEU A 475 -14.34 17.81 2.03
CA LEU A 475 -14.18 18.80 3.09
C LEU A 475 -14.35 20.23 2.59
N CYS A 476 -14.42 20.43 1.27
CA CYS A 476 -14.59 21.75 0.66
C CYS A 476 -13.53 22.72 1.16
N LEU A 477 -12.27 22.34 0.92
CA LEU A 477 -11.14 23.12 1.40
C LEU A 477 -10.60 24.04 0.32
C1 CLR B . -22.00 -3.48 -1.00
C2 CLR B . -21.59 -3.08 -2.43
C3 CLR B . -20.45 -2.06 -2.49
C4 CLR B . -19.28 -2.55 -1.64
C5 CLR B . -19.77 -2.73 -0.20
C6 CLR B . -18.59 -2.93 0.74
C7 CLR B . -19.10 -2.87 2.18
C8 CLR B . -20.17 -3.93 2.42
C9 CLR B . -21.32 -3.81 1.41
C10 CLR B . -20.83 -3.82 -0.06
C11 CLR B . -22.42 -4.84 1.75
C12 CLR B . -22.91 -4.79 3.22
C13 CLR B . -21.76 -4.84 4.22
C14 CLR B . -20.74 -3.77 3.83
C15 CLR B . -19.77 -3.74 5.00
C16 CLR B . -20.66 -4.05 6.21
C17 CLR B . -22.04 -4.41 5.65
C18 CLR B . -21.13 -6.23 4.20
C19 CLR B . -20.28 -5.20 -0.43
C20 CLR B . -22.90 -5.38 6.49
C21 CLR B . -24.32 -4.84 6.51
C22 CLR B . -22.39 -5.71 7.91
C23 CLR B . -22.85 -4.77 9.05
C24 CLR B . -23.65 -5.53 10.12
C25 CLR B . -23.10 -5.36 11.53
C26 CLR B . -23.62 -6.45 12.47
C27 CLR B . -23.48 -4.00 12.11
O1 CLR B . -20.05 -1.86 -3.86
C1 CLR C . -20.81 2.13 2.52
C2 CLR C . -20.69 2.67 1.08
C3 CLR C . -21.03 1.59 0.06
C4 CLR C . -22.44 1.04 0.36
C5 CLR C . -22.47 0.47 1.77
C6 CLR C . -23.78 -0.29 2.03
C7 CLR C . -23.73 -0.94 3.41
C8 CLR C . -23.51 0.14 4.48
C9 CLR C . -22.18 0.87 4.22
C10 CLR C . -22.18 1.55 2.83
C11 CLR C . -21.82 1.84 5.38
C12 CLR C . -22.00 1.26 6.79
C13 CLR C . -23.38 0.63 6.98
C14 CLR C . -23.51 -0.43 5.90
C15 CLR C . -24.74 -1.26 6.31
C16 CLR C . -24.69 -1.22 7.83
C17 CLR C . -23.59 -0.22 8.24
C18 CLR C . -24.46 1.70 6.86
C19 CLR C . -23.23 2.66 2.79
C20 CLR C . -23.95 0.49 9.56
C21 CLR C . -22.87 1.48 9.97
C22 CLR C . -24.19 -0.53 10.68
C23 CLR C . -25.29 -0.10 11.65
C24 CLR C . -25.38 -1.10 12.81
C25 CLR C . -25.20 -0.44 14.17
C26 CLR C . -23.76 0.02 14.36
C27 CLR C . -25.61 -1.39 15.29
O1 CLR C . -20.93 2.09 -1.28
C1 JTZ D . -15.30 -7.84 23.39
N1 JTZ D . -12.79 -7.85 23.40
O1 JTZ D . -12.00 -6.24 20.71
C2 JTZ D . -14.00 -7.68 24.19
O2 JTZ D . -11.33 -9.79 20.44
C3 JTZ D . -13.94 -6.34 24.92
C4 JTZ D . -13.06 -8.02 21.98
C5 JTZ D . -11.85 -7.59 21.15
C6 JTZ D . -11.67 -8.53 19.95
C7 JTZ D . -11.28 -10.78 19.46
C8 JTZ D . -11.75 -10.53 18.17
C9 JTZ D . -11.70 -11.53 17.21
C10 JTZ D . -11.20 -12.77 17.52
C11 JTZ D . -10.73 -13.03 18.80
C12 JTZ D . -10.77 -12.03 19.76
C13 JTZ D . -10.26 -12.31 21.17
C14 JTZ D . -10.86 -13.59 21.76
C15 JTZ D . -9.86 -14.36 22.61
C10 M3J E . -6.26 -16.68 1.56
N12 M3J E . -8.75 -17.74 4.80
C13 M3J E . -8.74 -18.62 5.85
C15 M3J E . -8.49 -20.89 6.69
C02 M3J E . -9.20 -16.76 7.28
C04 M3J E . -8.97 -16.45 5.00
C06 M3J E . -8.22 -15.86 2.65
C07 M3J E . -8.81 -15.61 1.42
C08 M3J E . -8.12 -15.90 0.26
C09 M3J E . -6.84 -16.43 0.33
C11 M3J E . -6.95 -16.40 2.73
C14 M3J E . -8.49 -20.00 5.62
C16 M3J E . -8.72 -20.41 7.98
C18 M3J E . -8.95 -19.05 8.21
C19 M3J E . -8.96 -18.15 7.11
N01 M3J E . -9.44 -16.22 8.60
N03 M3J E . -9.19 -15.96 6.22
N05 M3J E . -8.97 -15.55 3.86
BR1 M3J E . -8.71 -21.64 9.48
#